data_2CZJ
#
_entry.id   2CZJ
#
_cell.length_a   84.776
_cell.length_b   67.957
_cell.length_c   178.662
_cell.angle_alpha   90.00
_cell.angle_beta   90.07
_cell.angle_gamma   90.00
#
_symmetry.space_group_name_H-M   'P 1 21 1'
#
loop_
_entity.id
_entity.type
_entity.pdbx_description
1 polymer 'SsrA-binding protein'
2 polymer 'tmRNA (63-MER)'
#
loop_
_entity_poly.entity_id
_entity_poly.type
_entity_poly.pdbx_seq_one_letter_code
_entity_poly.pdbx_strand_id
1 'polypeptide(L)'
;MAPVLENRRARHDYEILETYEAGIALKGTEVKSLRAGKVDFTGSFARFEDGELYLENLYIAPYEKGSYANVDPRRKRKLL
LHKHELRRLLGKVEQKGLTLVPLKIYFNERGYAKVLLGLARGK
;
A,C,E,G
2 'polyribonucleotide' GGGGGUGAAACGGUCUCGACAGGGGUUCGCCUUUGGACGUGGG(5MU)(PSU)CGACUCCCACCACCUCCA B,D,F,H
#
loop_
_chem_comp.id
_chem_comp.type
_chem_comp.name
_chem_comp.formula
5MU RNA linking '5-METHYLURIDINE 5'-MONOPHOSPHATE' 'C10 H15 N2 O9 P'
A RNA linking ADENOSINE-5'-MONOPHOSPHATE 'C10 H14 N5 O7 P'
C RNA linking CYTIDINE-5'-MONOPHOSPHATE 'C9 H14 N3 O8 P'
G RNA linking GUANOSINE-5'-MONOPHOSPHATE 'C10 H14 N5 O8 P'
PSU RNA linking PSEUDOURIDINE-5'-MONOPHOSPHATE 'C9 H13 N2 O9 P'
U RNA linking URIDINE-5'-MONOPHOSPHATE 'C9 H13 N2 O9 P'
#
# COMPACT_ATOMS: atom_id res chain seq x y z
N ALA A 2 -27.38 43.96 -1.64
CA ALA A 2 -28.77 43.54 -1.99
C ALA A 2 -29.45 44.39 -3.15
N PRO A 3 -30.81 44.41 -3.25
CA PRO A 3 -31.58 45.14 -4.28
C PRO A 3 -31.00 46.13 -5.33
N VAL A 4 -31.93 46.91 -5.93
CA VAL A 4 -31.72 47.89 -7.00
C VAL A 4 -30.38 48.41 -7.53
N LEU A 5 -30.00 47.90 -8.70
CA LEU A 5 -28.78 48.29 -9.33
C LEU A 5 -29.01 48.61 -10.76
N GLU A 6 -28.85 49.88 -11.11
CA GLU A 6 -29.05 50.32 -12.47
C GLU A 6 -27.75 50.37 -13.26
N ASN A 7 -27.92 50.62 -14.55
CA ASN A 7 -26.85 50.70 -15.55
C ASN A 7 -26.44 52.16 -15.76
N ARG A 8 -25.35 52.59 -15.12
CA ARG A 8 -24.86 53.97 -15.25
C ARG A 8 -24.12 54.11 -16.59
N ARG A 9 -23.79 52.96 -17.17
CA ARG A 9 -23.04 52.87 -18.43
C ARG A 9 -23.82 53.43 -19.64
N ALA A 10 -25.14 53.31 -19.57
CA ALA A 10 -26.07 53.73 -20.63
C ALA A 10 -26.43 55.22 -20.78
N ARG A 11 -26.72 55.93 -19.70
CA ARG A 11 -27.11 57.34 -19.85
C ARG A 11 -26.30 58.13 -20.88
N HIS A 12 -24.98 58.06 -20.79
CA HIS A 12 -24.10 58.79 -21.70
C HIS A 12 -23.84 58.07 -23.04
N ASP A 13 -24.42 56.89 -23.22
CA ASP A 13 -24.21 56.11 -24.44
C ASP A 13 -25.39 56.09 -25.43
N TYR A 14 -26.58 55.69 -25.00
CA TYR A 14 -27.74 55.69 -25.90
C TYR A 14 -28.83 56.51 -25.21
N GLU A 15 -30.02 56.56 -25.78
CA GLU A 15 -31.09 57.31 -25.16
C GLU A 15 -32.42 56.55 -25.24
N ILE A 16 -33.12 56.47 -24.10
CA ILE A 16 -34.37 55.73 -24.00
C ILE A 16 -35.60 56.36 -24.60
N LEU A 17 -36.39 55.55 -25.31
CA LEU A 17 -37.64 55.99 -25.93
C LEU A 17 -38.86 55.55 -25.08
N GLU A 18 -38.94 54.24 -24.84
CA GLU A 18 -39.98 53.66 -24.00
C GLU A 18 -39.21 52.82 -22.98
N THR A 19 -39.91 52.30 -21.98
CA THR A 19 -39.25 51.44 -21.03
C THR A 19 -40.25 50.42 -20.54
N TYR A 20 -39.88 49.16 -20.69
CA TYR A 20 -40.69 48.03 -20.29
C TYR A 20 -40.04 47.40 -19.04
N GLU A 21 -40.76 46.49 -18.38
CA GLU A 21 -40.17 45.81 -17.22
C GLU A 21 -40.35 44.35 -17.55
N ALA A 22 -39.32 43.55 -17.36
CA ALA A 22 -39.43 42.14 -17.70
C ALA A 22 -38.75 41.18 -16.75
N GLY A 23 -39.53 40.26 -16.20
CA GLY A 23 -38.97 39.26 -15.31
C GLY A 23 -37.93 38.51 -16.10
N ILE A 24 -36.95 37.92 -15.44
CA ILE A 24 -35.87 37.19 -16.12
C ILE A 24 -35.87 35.72 -15.71
N ALA A 25 -35.30 34.88 -16.56
CA ALA A 25 -35.20 33.45 -16.28
C ALA A 25 -33.87 33.18 -15.62
N LEU A 26 -33.84 33.29 -14.30
CA LEU A 26 -32.62 33.07 -13.54
C LEU A 26 -32.60 31.64 -13.05
N LYS A 27 -31.52 31.28 -12.34
CA LYS A 27 -31.40 29.92 -11.83
C LYS A 27 -31.54 29.80 -10.30
N GLY A 28 -30.92 30.71 -9.56
CA GLY A 28 -31.00 30.62 -8.12
C GLY A 28 -29.70 31.13 -7.54
N THR A 29 -28.59 30.65 -8.07
CA THR A 29 -27.31 31.13 -7.59
C THR A 29 -27.18 32.51 -8.22
N GLU A 30 -27.70 32.64 -9.44
CA GLU A 30 -27.69 33.88 -10.18
C GLU A 30 -28.33 34.91 -9.30
N VAL A 31 -29.44 34.50 -8.72
CA VAL A 31 -30.23 35.32 -7.83
C VAL A 31 -29.42 35.74 -6.60
N LYS A 32 -28.61 34.84 -6.09
CA LYS A 32 -27.81 35.16 -4.94
C LYS A 32 -26.77 36.18 -5.36
N SER A 33 -26.16 35.94 -6.51
CA SER A 33 -25.14 36.82 -7.02
C SER A 33 -25.74 38.19 -7.17
N LEU A 34 -27.01 38.22 -7.54
CA LEU A 34 -27.68 39.49 -7.73
C LEU A 34 -27.96 40.18 -6.41
N ARG A 35 -28.52 39.44 -5.47
CA ARG A 35 -28.80 40.00 -4.16
C ARG A 35 -27.53 40.69 -3.61
N ALA A 36 -26.39 40.45 -4.27
CA ALA A 36 -25.15 41.06 -3.88
C ALA A 36 -24.93 42.30 -4.76
N GLY A 37 -23.93 42.31 -5.64
CA GLY A 37 -23.72 43.49 -6.48
C GLY A 37 -22.35 43.86 -7.05
N LYS A 38 -21.80 43.00 -7.90
CA LYS A 38 -20.51 43.25 -8.55
C LYS A 38 -20.66 42.70 -9.97
N VAL A 39 -21.88 42.83 -10.50
CA VAL A 39 -22.23 42.36 -11.82
C VAL A 39 -22.30 43.61 -12.67
N ASP A 40 -22.14 43.48 -13.98
CA ASP A 40 -22.17 44.67 -14.82
C ASP A 40 -22.83 44.53 -16.16
N PHE A 41 -23.37 45.63 -16.63
CA PHE A 41 -24.05 45.68 -17.92
C PHE A 41 -23.10 46.26 -18.96
N THR A 42 -21.82 46.28 -18.63
CA THR A 42 -20.84 46.77 -19.56
C THR A 42 -20.94 45.85 -20.78
N GLY A 43 -21.62 46.30 -21.82
CA GLY A 43 -21.75 45.50 -23.03
C GLY A 43 -23.04 44.69 -23.21
N SER A 44 -23.77 44.48 -22.13
CA SER A 44 -25.00 43.69 -22.17
C SER A 44 -26.21 44.48 -22.69
N PHE A 45 -26.97 43.82 -23.56
CA PHE A 45 -28.20 44.35 -24.18
C PHE A 45 -29.12 43.15 -24.34
N ALA A 46 -30.30 43.34 -24.91
CA ALA A 46 -31.19 42.21 -25.09
C ALA A 46 -31.39 41.89 -26.56
N ARG A 47 -31.57 40.61 -26.90
CA ARG A 47 -31.75 40.22 -28.29
C ARG A 47 -32.76 39.07 -28.45
N PHE A 48 -33.47 39.07 -29.57
CA PHE A 48 -34.45 38.04 -29.91
C PHE A 48 -33.82 36.95 -30.72
N GLU A 49 -33.44 35.82 -30.13
CA GLU A 49 -32.82 34.73 -30.92
C GLU A 49 -33.80 34.03 -31.86
N ASP A 50 -35.04 33.88 -31.40
CA ASP A 50 -36.06 33.28 -32.22
C ASP A 50 -37.20 34.28 -32.28
N GLY A 51 -38.14 34.15 -31.35
CA GLY A 51 -39.26 35.07 -31.28
C GLY A 51 -39.23 35.54 -29.84
N GLU A 52 -38.43 34.82 -29.05
CA GLU A 52 -38.25 35.12 -27.64
C GLU A 52 -37.03 36.01 -27.48
N LEU A 53 -37.04 36.82 -26.41
CA LEU A 53 -35.95 37.76 -26.14
C LEU A 53 -35.06 37.30 -25.01
N TYR A 54 -33.77 37.16 -25.29
CA TYR A 54 -32.82 36.72 -24.28
C TYR A 54 -31.77 37.79 -24.00
N LEU A 55 -31.87 38.47 -22.88
CA LEU A 55 -30.86 39.49 -22.58
C LEU A 55 -29.53 38.77 -22.56
N GLU A 56 -28.53 39.33 -23.23
CA GLU A 56 -27.22 38.72 -23.25
C GLU A 56 -26.02 39.60 -22.91
N ASN A 57 -24.94 38.91 -22.50
CA ASN A 57 -23.68 39.52 -22.12
C ASN A 57 -23.76 40.15 -20.73
N LEU A 58 -24.82 39.81 -20.00
CA LEU A 58 -24.91 40.35 -18.68
C LEU A 58 -24.04 39.48 -17.83
N TYR A 59 -23.02 40.06 -17.24
CA TYR A 59 -22.13 39.30 -16.38
C TYR A 59 -22.63 39.38 -14.95
N ILE A 60 -22.80 38.23 -14.31
CA ILE A 60 -23.27 38.17 -12.94
C ILE A 60 -22.34 37.37 -12.03
N ALA A 61 -21.28 38.01 -11.53
CA ALA A 61 -20.29 37.37 -10.64
C ALA A 61 -20.91 36.29 -9.77
N PRO A 62 -20.87 35.03 -10.21
CA PRO A 62 -21.40 33.84 -9.55
C PRO A 62 -21.05 33.39 -8.14
N TYR A 63 -21.83 33.89 -7.17
CA TYR A 63 -21.69 33.59 -5.74
C TYR A 63 -20.27 33.97 -5.27
N GLU A 64 -19.82 35.11 -5.82
CA GLU A 64 -18.51 35.75 -5.62
C GLU A 64 -18.30 36.50 -4.27
N LYS A 65 -18.50 35.77 -3.18
CA LYS A 65 -18.35 36.25 -1.79
C LYS A 65 -17.58 35.13 -1.07
N GLY A 66 -17.00 34.31 -1.91
CA GLY A 66 -16.22 33.19 -1.44
C GLY A 66 -15.77 32.52 -2.71
N SER A 67 -16.51 31.52 -3.10
CA SER A 67 -16.14 30.74 -4.25
C SER A 67 -17.23 29.73 -4.13
N TYR A 68 -17.71 29.21 -5.23
CA TYR A 68 -18.82 28.29 -5.10
C TYR A 68 -18.84 27.42 -6.36
N ALA A 69 -19.79 26.48 -6.43
CA ALA A 69 -19.90 25.59 -7.61
C ALA A 69 -21.10 25.96 -8.52
N ASN A 70 -21.03 27.17 -9.06
CA ASN A 70 -22.05 27.80 -9.89
C ASN A 70 -21.92 27.68 -11.39
N VAL A 71 -22.58 28.64 -12.04
CA VAL A 71 -22.71 28.70 -13.51
C VAL A 71 -22.06 29.77 -14.35
N ASP A 72 -22.18 29.57 -15.65
CA ASP A 72 -21.64 30.48 -16.64
C ASP A 72 -22.04 31.92 -16.42
N PRO A 73 -21.11 32.69 -15.88
CA PRO A 73 -21.26 34.10 -15.57
C PRO A 73 -22.02 34.91 -16.61
N ARG A 74 -21.65 34.72 -17.86
CA ARG A 74 -22.28 35.43 -18.96
C ARG A 74 -23.11 34.42 -19.73
N ARG A 75 -24.30 34.16 -19.24
CA ARG A 75 -25.19 33.20 -19.86
C ARG A 75 -26.37 33.93 -20.44
N LYS A 76 -26.80 33.50 -21.63
CA LYS A 76 -27.95 34.11 -22.31
C LYS A 76 -29.17 33.82 -21.45
N ARG A 77 -29.65 34.83 -20.75
CA ARG A 77 -30.80 34.64 -19.89
C ARG A 77 -32.02 35.19 -20.59
N LYS A 78 -33.08 34.39 -20.60
CA LYS A 78 -34.32 34.77 -21.26
C LYS A 78 -34.97 35.91 -20.53
N LEU A 79 -36.03 36.45 -21.13
CA LEU A 79 -36.77 37.54 -20.53
C LEU A 79 -38.23 37.23 -20.73
N LEU A 80 -39.06 37.63 -19.78
CA LEU A 80 -40.49 37.39 -19.87
C LEU A 80 -41.21 38.69 -20.18
N LEU A 81 -42.29 38.58 -20.93
CA LEU A 81 -43.08 39.74 -21.31
C LEU A 81 -44.18 39.15 -22.15
N HIS A 82 -45.38 39.68 -22.01
CA HIS A 82 -46.54 39.17 -22.72
C HIS A 82 -46.40 39.19 -24.23
N LYS A 83 -47.11 38.28 -24.89
CA LYS A 83 -47.10 38.18 -26.35
C LYS A 83 -47.31 39.53 -27.02
N HIS A 84 -48.30 40.28 -26.52
CA HIS A 84 -48.64 41.59 -27.04
C HIS A 84 -47.55 42.59 -26.70
N GLU A 85 -47.17 42.59 -25.43
CA GLU A 85 -46.13 43.50 -24.95
C GLU A 85 -44.78 43.14 -25.54
N LEU A 86 -44.69 42.02 -26.22
CA LEU A 86 -43.44 41.54 -26.80
C LEU A 86 -43.36 41.68 -28.31
N ARG A 87 -44.48 41.50 -29.01
CA ARG A 87 -44.52 41.64 -30.47
C ARG A 87 -44.25 43.09 -30.86
N ARG A 88 -44.40 44.01 -29.91
CA ARG A 88 -44.18 45.42 -30.18
C ARG A 88 -42.69 45.78 -30.29
N LEU A 89 -42.06 45.95 -29.15
CA LEU A 89 -40.64 46.30 -29.07
C LEU A 89 -39.77 45.70 -30.16
N LEU A 90 -40.12 44.49 -30.58
CA LEU A 90 -39.34 43.84 -31.61
C LEU A 90 -39.51 44.56 -32.96
N GLY A 91 -40.74 44.92 -33.30
CA GLY A 91 -41.00 45.62 -34.55
C GLY A 91 -40.46 47.03 -34.56
N LYS A 92 -40.22 47.59 -33.38
CA LYS A 92 -39.68 48.94 -33.26
C LYS A 92 -38.16 48.86 -33.13
N VAL A 93 -37.60 47.67 -33.37
CA VAL A 93 -36.16 47.50 -33.21
C VAL A 93 -35.22 46.98 -34.28
N GLU A 94 -35.07 45.67 -34.39
CA GLU A 94 -34.10 45.07 -35.35
C GLU A 94 -33.87 45.71 -36.72
N GLN A 95 -34.60 46.79 -37.02
CA GLN A 95 -34.41 47.54 -38.26
C GLN A 95 -32.96 48.08 -38.16
N LYS A 96 -32.41 47.87 -36.97
CA LYS A 96 -31.07 48.27 -36.49
C LYS A 96 -31.05 49.74 -36.08
N GLY A 97 -32.25 50.35 -35.93
CA GLY A 97 -32.38 51.73 -35.50
C GLY A 97 -32.38 51.82 -33.97
N LEU A 98 -33.00 50.82 -33.35
CA LEU A 98 -33.09 50.77 -31.90
C LEU A 98 -32.37 49.58 -31.31
N THR A 99 -32.19 49.62 -30.00
CA THR A 99 -31.49 48.56 -29.27
C THR A 99 -32.10 48.30 -27.89
N LEU A 100 -32.16 47.02 -27.51
CA LEU A 100 -32.68 46.63 -26.20
C LEU A 100 -31.50 46.60 -25.23
N VAL A 101 -31.46 47.61 -24.37
CA VAL A 101 -30.39 47.74 -23.41
C VAL A 101 -30.88 47.65 -21.98
N PRO A 102 -30.14 46.94 -21.12
CA PRO A 102 -30.49 46.77 -19.70
C PRO A 102 -30.46 48.09 -18.90
N LEU A 103 -31.63 48.57 -18.48
CA LEU A 103 -31.71 49.83 -17.74
C LEU A 103 -31.51 49.73 -16.22
N LYS A 104 -32.31 48.93 -15.54
CA LYS A 104 -32.21 48.80 -14.09
C LYS A 104 -32.54 47.34 -13.75
N ILE A 105 -32.10 46.92 -12.56
CA ILE A 105 -32.37 45.56 -12.08
C ILE A 105 -32.71 45.59 -10.61
N TYR A 106 -33.57 44.66 -10.21
CA TYR A 106 -34.01 44.63 -8.83
C TYR A 106 -35.13 43.59 -8.63
N PHE A 107 -35.51 43.38 -7.37
CA PHE A 107 -36.58 42.46 -7.01
C PHE A 107 -37.83 43.31 -6.73
N ASN A 108 -38.99 42.80 -7.12
CA ASN A 108 -40.25 43.54 -6.92
C ASN A 108 -40.92 43.27 -5.57
N GLU A 109 -42.10 43.86 -5.39
CA GLU A 109 -42.88 43.71 -4.16
C GLU A 109 -42.91 42.24 -3.73
N ARG A 110 -43.36 41.40 -4.68
CA ARG A 110 -43.49 39.94 -4.54
C ARG A 110 -42.13 39.19 -4.48
N GLY A 111 -41.03 39.93 -4.29
CA GLY A 111 -39.70 39.35 -4.20
C GLY A 111 -39.03 38.77 -5.45
N TYR A 112 -39.44 39.19 -6.64
CA TYR A 112 -38.84 38.66 -7.87
C TYR A 112 -37.95 39.64 -8.59
N ALA A 113 -36.75 39.18 -8.92
CA ALA A 113 -35.80 39.97 -9.65
C ALA A 113 -36.43 40.28 -10.98
N LYS A 114 -36.50 41.55 -11.32
CA LYS A 114 -37.08 41.99 -12.59
C LYS A 114 -36.11 42.94 -13.26
N VAL A 115 -36.04 42.89 -14.58
CA VAL A 115 -35.14 43.77 -15.34
C VAL A 115 -35.94 44.88 -16.03
N LEU A 116 -35.29 46.01 -16.25
CA LEU A 116 -35.96 47.12 -16.91
C LEU A 116 -35.20 47.46 -18.20
N LEU A 117 -35.87 47.32 -19.33
CA LEU A 117 -35.26 47.60 -20.63
C LEU A 117 -35.84 48.84 -21.31
N GLY A 118 -35.20 49.28 -22.41
CA GLY A 118 -35.67 50.45 -23.13
C GLY A 118 -34.98 50.65 -24.47
N LEU A 119 -35.72 51.22 -25.42
CA LEU A 119 -35.22 51.48 -26.77
C LEU A 119 -33.99 52.39 -26.70
N ALA A 120 -33.06 52.24 -27.63
CA ALA A 120 -31.83 53.05 -27.61
C ALA A 120 -31.33 53.61 -28.96
N ARG A 121 -30.40 54.57 -28.86
CA ARG A 121 -29.79 55.24 -30.02
C ARG A 121 -29.01 56.44 -29.46
N GLY A 122 -27.95 56.91 -30.15
CA GLY A 122 -27.19 58.04 -29.60
C GLY A 122 -26.32 59.01 -30.43
N LYS A 123 -25.33 58.50 -31.20
CA LYS A 123 -24.42 59.35 -32.01
C LYS A 123 -24.93 59.76 -33.42
N ALA B 2 -31.01 44.32 2.86
CA ALA B 2 -30.13 44.69 4.01
C ALA B 2 -30.37 43.76 5.20
N PRO B 3 -29.54 42.72 5.31
CA PRO B 3 -29.62 41.71 6.35
C PRO B 3 -29.99 42.12 7.76
N VAL B 4 -30.64 41.16 8.41
CA VAL B 4 -31.11 41.17 9.80
C VAL B 4 -30.26 40.00 10.31
N LEU B 5 -29.63 40.15 11.47
CA LEU B 5 -28.77 39.08 11.91
C LEU B 5 -29.07 38.78 13.34
N GLU B 6 -29.29 37.49 13.64
CA GLU B 6 -29.63 37.07 15.00
C GLU B 6 -28.93 35.86 15.58
N ASN B 7 -28.95 35.80 16.90
CA ASN B 7 -28.33 34.74 17.68
C ASN B 7 -29.09 33.43 17.60
N ARG B 8 -28.71 32.58 16.65
CA ARG B 8 -29.33 31.27 16.42
C ARG B 8 -29.26 30.34 17.61
N ARG B 9 -28.20 30.43 18.39
CA ARG B 9 -28.02 29.56 19.53
C ARG B 9 -28.41 30.26 20.83
N ALA B 10 -28.96 31.46 20.74
CA ALA B 10 -29.35 32.21 21.94
C ALA B 10 -30.64 31.70 22.54
N ARG B 11 -31.26 30.73 21.89
CA ARG B 11 -32.51 30.19 22.43
C ARG B 11 -32.29 28.75 22.84
N HIS B 12 -31.77 27.96 21.91
CA HIS B 12 -31.52 26.57 22.18
C HIS B 12 -30.86 26.44 23.55
N ASP B 13 -29.91 27.33 23.82
CA ASP B 13 -29.18 27.25 25.07
C ASP B 13 -29.49 28.37 26.04
N TYR B 14 -30.51 29.16 25.76
CA TYR B 14 -30.80 30.23 26.68
C TYR B 14 -32.24 30.49 27.02
N GLU B 15 -32.37 31.05 28.21
CA GLU B 15 -33.63 31.49 28.78
C GLU B 15 -33.39 32.97 28.85
N ILE B 16 -34.05 33.73 27.98
CA ILE B 16 -33.90 35.19 27.94
C ILE B 16 -34.87 35.87 28.89
N LEU B 17 -34.57 37.11 29.23
CA LEU B 17 -35.42 37.86 30.14
C LEU B 17 -35.98 39.15 29.51
N GLU B 18 -35.28 40.26 29.68
CA GLU B 18 -35.72 41.54 29.11
C GLU B 18 -34.85 41.79 27.89
N THR B 19 -35.22 42.75 27.05
CA THR B 19 -34.39 43.05 25.87
C THR B 19 -34.13 44.56 25.68
N TYR B 20 -33.01 44.85 25.01
CA TYR B 20 -32.60 46.23 24.77
C TYR B 20 -32.21 46.62 23.34
N GLU B 21 -32.31 47.91 23.06
CA GLU B 21 -31.98 48.47 21.75
C GLU B 21 -30.68 49.25 21.90
N ALA B 22 -29.58 48.73 21.37
CA ALA B 22 -28.32 49.40 21.55
C ALA B 22 -27.67 50.01 20.33
N GLY B 23 -27.43 51.32 20.39
CA GLY B 23 -26.74 51.97 19.29
C GLY B 23 -25.31 51.51 19.47
N ILE B 24 -24.56 51.37 18.36
CA ILE B 24 -23.15 50.95 18.45
C ILE B 24 -22.19 51.81 17.66
N ALA B 25 -20.99 51.98 18.18
CA ALA B 25 -19.97 52.74 17.49
C ALA B 25 -19.20 51.77 16.62
N LEU B 26 -19.51 51.80 15.33
CA LEU B 26 -18.87 50.94 14.31
C LEU B 26 -17.94 51.73 13.44
N LYS B 27 -17.17 51.01 12.66
CA LYS B 27 -16.26 51.66 11.76
C LYS B 27 -16.95 51.47 10.41
N GLY B 28 -16.91 52.48 9.55
CA GLY B 28 -17.55 52.35 8.24
C GLY B 28 -17.30 51.03 7.54
N THR B 29 -16.35 50.26 8.03
CA THR B 29 -15.99 48.97 7.43
C THR B 29 -16.81 47.82 8.03
N GLU B 30 -16.97 47.81 9.36
CA GLU B 30 -17.75 46.77 10.01
C GLU B 30 -19.14 46.87 9.37
N VAL B 31 -19.62 48.10 9.26
CA VAL B 31 -20.94 48.37 8.69
C VAL B 31 -21.25 47.56 7.48
N LYS B 32 -20.63 47.91 6.36
CA LYS B 32 -20.88 47.20 5.12
C LYS B 32 -20.82 45.70 5.30
N SER B 33 -19.85 45.24 6.07
CA SER B 33 -19.74 43.79 6.24
C SER B 33 -21.04 43.30 6.85
N LEU B 34 -21.72 44.17 7.58
CA LEU B 34 -22.98 43.81 8.22
C LEU B 34 -24.14 43.69 7.23
N ARG B 35 -24.16 44.58 6.25
CA ARG B 35 -25.21 44.58 5.24
C ARG B 35 -25.08 43.30 4.39
N ALA B 36 -23.90 42.69 4.43
CA ALA B 36 -23.67 41.46 3.70
C ALA B 36 -23.90 40.27 4.63
N GLY B 37 -23.97 40.55 5.92
CA GLY B 37 -24.21 39.51 6.93
C GLY B 37 -23.17 38.40 7.02
N LYS B 38 -21.92 38.80 7.18
CA LYS B 38 -20.81 37.85 7.26
C LYS B 38 -20.25 37.61 8.68
N VAL B 39 -20.92 38.17 9.70
CA VAL B 39 -20.52 38.04 11.11
C VAL B 39 -21.07 36.74 11.67
N ASP B 40 -20.45 36.24 12.74
CA ASP B 40 -20.89 35.02 13.39
C ASP B 40 -21.04 35.32 14.91
N PHE B 41 -22.28 35.20 15.42
CA PHE B 41 -22.59 35.49 16.83
C PHE B 41 -21.92 34.55 17.84
N THR B 42 -21.33 33.48 17.34
CA THR B 42 -20.66 32.50 18.18
C THR B 42 -19.84 33.27 19.22
N GLY B 43 -20.13 32.97 20.48
CA GLY B 43 -19.47 33.57 21.60
C GLY B 43 -19.74 35.04 21.77
N SER B 44 -20.62 35.90 21.97
CA SER B 44 -20.49 37.31 22.06
C SER B 44 -21.11 37.50 23.43
N PHE B 45 -20.79 38.62 24.07
CA PHE B 45 -21.35 38.97 25.37
C PHE B 45 -21.19 40.47 25.54
N ALA B 46 -21.94 41.07 26.47
CA ALA B 46 -21.86 42.51 26.71
C ALA B 46 -21.44 42.82 28.13
N ARG B 47 -20.26 43.42 28.28
CA ARG B 47 -19.74 43.76 29.59
C ARG B 47 -19.36 45.24 29.67
N PHE B 48 -19.52 45.81 30.86
CA PHE B 48 -19.25 47.21 31.12
C PHE B 48 -17.77 47.44 31.30
N GLU B 49 -17.41 48.71 31.49
CA GLU B 49 -16.03 49.06 31.79
C GLU B 49 -16.06 49.88 33.05
N ASP B 50 -16.18 51.19 32.90
CA ASP B 50 -16.23 52.10 34.04
C ASP B 50 -17.70 52.46 34.19
N GLY B 51 -18.50 51.98 33.25
CA GLY B 51 -19.93 52.23 33.23
C GLY B 51 -20.40 52.08 31.80
N GLU B 52 -19.49 52.34 30.86
CA GLU B 52 -19.84 52.22 29.47
C GLU B 52 -19.93 50.73 29.19
N LEU B 53 -20.96 50.34 28.46
CA LEU B 53 -21.17 48.93 28.11
C LEU B 53 -20.61 48.64 26.73
N TYR B 54 -20.03 47.46 26.55
CA TYR B 54 -19.45 47.11 25.28
C TYR B 54 -19.75 45.69 24.90
N LEU B 55 -19.42 45.35 23.66
CA LEU B 55 -19.54 43.98 23.18
C LEU B 55 -18.08 43.58 23.09
N GLU B 56 -17.66 42.70 24.00
CA GLU B 56 -16.26 42.32 24.07
C GLU B 56 -15.75 41.26 23.08
N ASN B 57 -16.65 40.52 22.44
CA ASN B 57 -16.20 39.51 21.49
C ASN B 57 -17.26 39.18 20.46
N LEU B 58 -16.88 39.26 19.19
CA LEU B 58 -17.78 38.97 18.09
C LEU B 58 -17.08 39.21 16.77
N TYR B 59 -17.27 38.31 15.82
CA TYR B 59 -16.62 38.47 14.53
C TYR B 59 -17.44 39.31 13.55
N ILE B 60 -16.80 40.36 13.03
CA ILE B 60 -17.39 41.28 12.04
C ILE B 60 -16.27 41.68 11.07
N ALA B 61 -15.92 40.72 10.22
CA ALA B 61 -14.85 40.87 9.24
C ALA B 61 -14.92 42.11 8.35
N PRO B 62 -13.75 42.67 8.02
CA PRO B 62 -13.66 43.85 7.17
C PRO B 62 -14.14 43.55 5.74
N TYR B 63 -14.54 44.59 5.04
CA TYR B 63 -15.03 44.50 3.66
C TYR B 63 -14.03 43.70 2.82
N TYR B 68 -5.27 46.47 2.61
CA TYR B 68 -6.46 47.26 2.87
C TYR B 68 -6.41 47.96 4.24
N ALA B 69 -6.98 49.15 4.30
CA ALA B 69 -6.98 49.97 5.51
C ALA B 69 -8.16 49.67 6.44
N ASN B 70 -7.92 48.90 7.51
CA ASN B 70 -9.00 48.62 8.44
C ASN B 70 -8.64 48.18 9.86
N VAL B 71 -9.53 47.39 10.47
CA VAL B 71 -9.37 46.97 11.87
C VAL B 71 -9.53 45.51 12.26
N ASP B 72 -9.41 45.29 13.57
CA ASP B 72 -9.56 43.95 14.11
C ASP B 72 -11.01 43.45 14.11
N PRO B 73 -11.20 42.23 13.61
CA PRO B 73 -12.52 41.60 13.54
C PRO B 73 -13.17 41.23 14.86
N ARG B 74 -12.45 41.16 15.97
CA ARG B 74 -13.17 40.80 17.18
C ARG B 74 -13.03 41.91 18.17
N ARG B 75 -13.31 43.14 17.71
CA ARG B 75 -13.13 44.28 18.58
C ARG B 75 -14.24 44.65 19.53
N LYS B 76 -13.83 45.30 20.60
CA LYS B 76 -14.77 45.73 21.61
C LYS B 76 -15.36 46.96 20.97
N ARG B 77 -16.68 47.08 21.08
CA ARG B 77 -17.38 48.23 20.51
C ARG B 77 -18.24 48.85 21.58
N LYS B 78 -18.17 50.18 21.73
CA LYS B 78 -18.99 50.85 22.75
C LYS B 78 -20.45 50.79 22.35
N LEU B 79 -21.30 50.62 23.34
CA LEU B 79 -22.73 50.59 23.11
C LEU B 79 -23.38 51.83 23.72
N LEU B 80 -24.22 52.47 22.91
CA LEU B 80 -24.93 53.68 23.33
C LEU B 80 -26.19 53.30 24.05
N LEU B 81 -26.53 54.04 25.08
CA LEU B 81 -27.70 53.78 25.90
C LEU B 81 -27.88 54.88 26.96
N HIS B 82 -29.07 55.47 27.06
CA HIS B 82 -29.32 56.55 28.03
C HIS B 82 -28.69 56.27 29.42
N LYS B 83 -28.32 57.33 30.15
CA LYS B 83 -27.66 57.23 31.45
C LYS B 83 -28.38 56.32 32.45
N HIS B 84 -29.69 56.44 32.41
CA HIS B 84 -30.47 55.66 33.32
C HIS B 84 -30.47 54.18 32.90
N GLU B 85 -30.66 53.88 31.61
CA GLU B 85 -30.69 52.49 31.14
C GLU B 85 -29.50 51.67 31.65
N LEU B 86 -28.29 52.20 31.51
CA LEU B 86 -27.09 51.52 31.96
C LEU B 86 -27.02 51.67 33.47
N ARG B 87 -27.33 52.87 33.95
CA ARG B 87 -27.30 53.14 35.39
C ARG B 87 -28.35 52.35 36.13
N ARG B 88 -29.27 51.73 35.40
CA ARG B 88 -30.29 50.94 36.05
C ARG B 88 -30.02 49.46 36.00
N LEU B 89 -29.52 48.97 34.88
CA LEU B 89 -29.24 47.55 34.79
C LEU B 89 -27.77 47.34 35.12
N LEU B 90 -27.11 48.42 35.52
CA LEU B 90 -25.69 48.37 35.84
C LEU B 90 -25.34 47.24 36.79
N GLY B 91 -26.28 46.85 37.64
CA GLY B 91 -26.01 45.79 38.59
C GLY B 91 -26.68 44.47 38.26
N LYS B 92 -26.80 44.16 36.97
CA LYS B 92 -27.44 42.93 36.52
C LYS B 92 -26.49 41.83 36.06
N VAL B 93 -25.58 42.17 35.15
CA VAL B 93 -24.63 41.18 34.64
C VAL B 93 -23.88 40.68 35.86
N GLU B 94 -24.07 41.40 36.98
CA GLU B 94 -23.43 41.12 38.26
C GLU B 94 -24.34 40.57 39.38
N GLN B 95 -25.65 40.50 39.14
CA GLN B 95 -26.54 39.91 40.14
C GLN B 95 -26.22 38.42 40.04
N LYS B 96 -24.95 38.09 40.15
CA LYS B 96 -24.33 36.78 40.12
C LYS B 96 -24.89 35.74 39.10
N GLY B 97 -24.61 35.91 37.82
CA GLY B 97 -25.11 34.91 36.89
C GLY B 97 -25.76 35.46 35.63
N LEU B 98 -26.66 36.43 35.78
CA LEU B 98 -27.35 36.99 34.62
C LEU B 98 -26.36 37.55 33.61
N THR B 99 -26.45 37.06 32.37
CA THR B 99 -25.54 37.53 31.32
C THR B 99 -26.19 38.61 30.45
N LEU B 100 -25.35 39.28 29.65
CA LEU B 100 -25.79 40.32 28.71
C LEU B 100 -25.45 39.83 27.29
N VAL B 101 -26.34 39.01 26.74
CA VAL B 101 -26.20 38.37 25.42
C VAL B 101 -26.87 39.03 24.19
N PRO B 102 -26.11 39.21 23.09
CA PRO B 102 -26.51 39.79 21.79
C PRO B 102 -27.58 38.95 21.06
N LEU B 103 -28.85 39.38 21.16
CA LEU B 103 -29.99 38.68 20.58
C LEU B 103 -30.04 38.69 19.05
N LYS B 104 -29.49 39.74 18.45
CA LYS B 104 -29.47 39.88 17.00
C LYS B 104 -29.18 41.31 16.66
N ILE B 105 -28.72 41.53 15.43
CA ILE B 105 -28.41 42.88 15.01
C ILE B 105 -29.15 43.17 13.74
N TYR B 106 -29.31 44.45 13.47
CA TYR B 106 -30.02 44.90 12.30
C TYR B 106 -29.79 46.38 12.11
N PHE B 107 -30.36 46.93 11.04
CA PHE B 107 -30.25 48.34 10.78
C PHE B 107 -31.65 48.94 11.00
N ASN B 108 -31.74 49.88 11.94
CA ASN B 108 -33.02 50.51 12.30
C ASN B 108 -33.79 51.13 11.15
N GLU B 109 -34.83 51.90 11.49
CA GLU B 109 -35.66 52.59 10.50
C GLU B 109 -34.90 53.88 10.18
N ARG B 110 -33.96 54.21 11.07
CA ARG B 110 -33.11 55.40 10.97
C ARG B 110 -31.79 55.09 10.23
N GLY B 111 -31.73 53.93 9.56
CA GLY B 111 -30.55 53.54 8.80
C GLY B 111 -29.31 53.08 9.54
N TYR B 112 -29.15 53.53 10.77
CA TYR B 112 -28.00 53.15 11.59
C TYR B 112 -28.18 51.75 12.14
N ALA B 113 -27.11 50.97 12.12
CA ALA B 113 -27.12 49.61 12.63
C ALA B 113 -27.24 49.58 14.15
N LYS B 114 -28.20 48.83 14.64
CA LYS B 114 -28.43 48.73 16.07
C LYS B 114 -28.39 47.28 16.51
N VAL B 115 -27.77 47.03 17.64
CA VAL B 115 -27.68 45.68 18.13
C VAL B 115 -28.73 45.44 19.19
N LEU B 116 -29.07 44.17 19.40
CA LEU B 116 -30.03 43.84 20.43
C LEU B 116 -29.30 43.07 21.51
N LEU B 117 -29.76 43.23 22.75
CA LEU B 117 -29.16 42.56 23.90
C LEU B 117 -30.29 42.14 24.83
N GLY B 118 -30.03 41.17 25.70
CA GLY B 118 -31.05 40.72 26.63
C GLY B 118 -30.57 40.02 27.89
N LEU B 119 -31.27 40.27 29.00
CA LEU B 119 -30.92 39.66 30.27
C LEU B 119 -31.02 38.14 30.12
N ALA B 120 -29.90 37.45 30.27
CA ALA B 120 -29.87 36.00 30.09
C ALA B 120 -29.80 35.18 31.37
N ARG B 121 -30.04 33.88 31.24
CA ARG B 121 -30.00 32.96 32.36
C ARG B 121 -29.57 31.59 31.85
N GLY B 122 -29.85 31.36 30.58
CA GLY B 122 -29.51 30.10 29.93
C GLY B 122 -28.88 28.98 30.74
N LYS B 123 -27.76 28.47 30.21
CA LYS B 123 -26.98 27.36 30.74
C LYS B 123 -26.71 27.25 32.26
N ALA C 2 26.63 -43.68 2.04
CA ALA C 2 25.20 -43.86 2.43
C ALA C 2 24.89 -42.98 3.65
N PRO C 3 24.95 -41.64 3.49
CA PRO C 3 24.72 -40.61 4.52
C PRO C 3 23.73 -40.56 5.72
N VAL C 4 23.26 -41.70 6.25
CA VAL C 4 22.38 -41.74 7.46
C VAL C 4 22.32 -43.16 8.05
N LEU C 5 22.80 -43.34 9.28
CA LEU C 5 22.73 -44.67 9.89
C LEU C 5 22.36 -44.58 11.34
N GLU C 6 21.77 -45.69 11.80
CA GLU C 6 21.33 -45.83 13.18
C GLU C 6 22.35 -46.75 13.86
N ASN C 7 22.10 -47.12 15.12
CA ASN C 7 23.01 -47.99 15.90
C ASN C 7 22.37 -49.35 16.23
N ARG C 8 22.72 -50.33 15.38
CA ARG C 8 22.23 -51.71 15.47
C ARG C 8 22.91 -52.51 16.58
N ARG C 9 23.92 -51.91 17.21
CA ARG C 9 24.63 -52.54 18.33
C ARG C 9 23.87 -52.33 19.66
N ALA C 10 23.22 -51.15 19.78
CA ALA C 10 22.49 -50.72 20.96
C ALA C 10 21.07 -51.26 21.23
N ARG C 11 20.19 -51.28 20.23
CA ARG C 11 18.82 -51.78 20.45
C ARG C 11 18.71 -52.95 21.45
N HIS C 12 19.43 -54.03 21.16
CA HIS C 12 19.40 -55.22 21.99
C HIS C 12 20.31 -55.16 23.24
N ASP C 13 21.02 -54.06 23.44
CA ASP C 13 21.89 -53.99 24.60
C ASP C 13 21.45 -53.02 25.74
N TYR C 14 21.07 -51.77 25.46
CA TYR C 14 20.58 -50.87 26.53
C TYR C 14 19.23 -50.32 26.06
N GLU C 15 18.60 -49.42 26.80
CA GLU C 15 17.36 -48.84 26.27
C GLU C 15 17.31 -47.36 26.54
N ILE C 16 16.88 -46.61 25.52
CA ILE C 16 16.84 -45.17 25.60
C ILE C 16 15.68 -44.55 26.37
N LEU C 17 16.02 -43.53 27.15
CA LEU C 17 15.07 -42.76 27.98
C LEU C 17 14.66 -41.47 27.26
N GLU C 18 15.68 -40.65 26.99
CA GLU C 18 15.49 -39.40 26.28
C GLU C 18 16.50 -39.47 25.11
N THR C 19 16.46 -38.50 24.22
CA THR C 19 17.38 -38.53 23.10
C THR C 19 17.66 -37.09 22.73
N TYR C 20 18.94 -36.72 22.77
CA TYR C 20 19.40 -35.38 22.43
C TYR C 20 20.15 -35.46 21.07
N GLU C 21 20.45 -34.31 20.46
CA GLU C 21 21.18 -34.32 19.21
C GLU C 21 22.34 -33.44 19.49
N ALA C 22 23.55 -33.84 19.10
CA ALA C 22 24.70 -32.99 19.38
C ALA C 22 25.76 -32.95 18.30
N GLY C 23 26.06 -31.74 17.84
CA GLY C 23 27.08 -31.57 16.82
C GLY C 23 28.36 -32.10 17.42
N ILE C 24 29.27 -32.55 16.58
CA ILE C 24 30.53 -33.15 17.01
C ILE C 24 31.74 -32.28 16.58
N ALA C 25 32.86 -32.37 17.30
CA ALA C 25 34.08 -31.63 16.95
C ALA C 25 34.96 -32.56 16.11
N LEU C 26 34.72 -32.53 14.81
CA LEU C 26 35.45 -33.36 13.86
C LEU C 26 36.59 -32.55 13.30
N LYS C 27 37.38 -33.17 12.44
CA LYS C 27 38.51 -32.47 11.87
C LYS C 27 38.40 -32.16 10.36
N GLY C 28 37.85 -33.09 9.58
CA GLY C 28 37.74 -32.83 8.15
C GLY C 28 37.93 -34.13 7.43
N THR C 29 39.00 -34.84 7.79
CA THR C 29 39.31 -36.13 7.23
C THR C 29 38.23 -37.07 7.83
N GLU C 30 37.98 -36.85 9.13
CA GLU C 30 37.00 -37.61 9.90
C GLU C 30 35.67 -37.53 9.16
N VAL C 31 35.36 -36.33 8.72
CA VAL C 31 34.15 -36.02 7.97
C VAL C 31 34.10 -36.86 6.71
N LYS C 32 35.24 -36.98 6.02
CA LYS C 32 35.33 -37.75 4.78
C LYS C 32 35.02 -39.20 5.09
N SER C 33 35.69 -39.70 6.11
CA SER C 33 35.53 -41.08 6.53
C SER C 33 34.08 -41.33 6.83
N LEU C 34 33.43 -40.31 7.38
CA LEU C 34 32.02 -40.38 7.77
C LEU C 34 31.15 -40.44 6.50
N ARG C 35 31.34 -39.49 5.61
CA ARG C 35 30.53 -39.49 4.42
C ARG C 35 30.62 -40.82 3.72
N ALA C 36 31.51 -41.69 4.19
CA ALA C 36 31.66 -43.03 3.66
C ALA C 36 30.82 -43.97 4.56
N GLY C 37 31.45 -44.88 5.30
CA GLY C 37 30.67 -45.78 6.15
C GLY C 37 31.13 -47.19 6.54
N LYS C 38 32.25 -47.26 7.26
CA LYS C 38 32.76 -48.55 7.75
C LYS C 38 33.33 -48.25 9.14
N VAL C 39 32.64 -47.35 9.82
CA VAL C 39 33.01 -46.91 11.15
C VAL C 39 32.02 -47.62 12.06
N ASP C 40 32.36 -47.78 13.33
CA ASP C 40 31.43 -48.47 14.21
C ASP C 40 31.40 -47.98 15.64
N PHE C 41 30.23 -48.18 16.24
CA PHE C 41 29.99 -47.79 17.63
C PHE C 41 30.12 -48.98 18.53
N THR C 42 30.74 -50.03 18.03
CA THR C 42 30.88 -51.18 18.88
C THR C 42 31.83 -50.73 20.00
N GLY C 43 31.22 -50.49 21.17
CA GLY C 43 31.96 -50.08 22.34
C GLY C 43 31.96 -48.59 22.63
N SER C 44 31.63 -47.76 21.65
CA SER C 44 31.63 -46.31 21.85
C SER C 44 30.39 -45.75 22.56
N PHE C 45 30.63 -44.85 23.51
CA PHE C 45 29.58 -44.14 24.26
C PHE C 45 30.15 -42.74 24.54
N ALA C 46 29.45 -41.91 25.28
CA ALA C 46 30.00 -40.59 25.54
C ALA C 46 30.31 -40.38 27.00
N ARG C 47 31.30 -39.57 27.30
CA ARG C 47 31.68 -39.32 28.68
C ARG C 47 32.13 -37.88 28.90
N PHE C 48 31.90 -37.39 30.10
CA PHE C 48 32.26 -36.03 30.46
C PHE C 48 33.58 -36.05 31.21
N GLU C 49 34.68 -35.70 30.52
CA GLU C 49 36.03 -35.69 31.15
C GLU C 49 36.18 -34.59 32.21
N ASP C 50 35.60 -33.43 31.93
CA ASP C 50 35.66 -32.32 32.84
C ASP C 50 34.21 -31.91 33.12
N GLY C 51 33.70 -30.99 32.31
CA GLY C 51 32.33 -30.55 32.45
C GLY C 51 31.79 -30.69 31.05
N GLU C 52 32.71 -30.89 30.12
CA GLU C 52 32.41 -31.08 28.71
C GLU C 52 32.28 -32.58 28.40
N LEU C 53 31.46 -32.91 27.41
CA LEU C 53 31.24 -34.31 27.05
C LEU C 53 31.96 -34.67 25.77
N TYR C 54 32.80 -35.70 25.84
CA TYR C 54 33.53 -36.15 24.67
C TYR C 54 33.17 -37.60 24.32
N LEU C 55 32.42 -37.80 23.24
CA LEU C 55 32.09 -39.18 22.91
C LEU C 55 33.39 -39.86 22.64
N GLU C 56 33.54 -41.06 23.20
CA GLU C 56 34.78 -41.82 23.00
C GLU C 56 34.62 -43.26 22.52
N ASN C 57 35.72 -43.78 21.95
CA ASN C 57 35.84 -45.13 21.37
C ASN C 57 35.13 -45.25 20.03
N LEU C 58 34.73 -44.12 19.47
CA LEU C 58 34.07 -44.18 18.20
C LEU C 58 35.19 -44.41 17.22
N TYR C 59 35.14 -45.51 16.50
CA TYR C 59 36.17 -45.76 15.52
C TYR C 59 35.65 -45.27 14.17
N ILE C 60 36.44 -44.43 13.49
CA ILE C 60 36.07 -43.89 12.18
C ILE C 60 37.15 -44.13 11.14
N ALA C 61 37.12 -45.32 10.52
CA ALA C 61 38.10 -45.74 9.50
C ALA C 61 38.59 -44.57 8.63
N PRO C 62 39.84 -44.08 8.92
CA PRO C 62 40.50 -42.96 8.23
C PRO C 62 40.03 -42.63 6.81
N TYR C 63 39.71 -43.64 6.01
CA TYR C 63 39.22 -43.44 4.65
C TYR C 63 39.41 -44.76 3.97
N GLU C 64 38.58 -45.04 2.98
CA GLU C 64 38.70 -46.31 2.30
C GLU C 64 38.75 -46.26 0.74
N LYS C 65 37.64 -46.48 0.06
CA LYS C 65 37.63 -46.49 -1.42
C LYS C 65 38.98 -46.09 -1.98
N GLY C 66 39.23 -44.78 -1.91
CA GLY C 66 40.47 -44.22 -2.37
C GLY C 66 41.01 -43.35 -1.23
N SER C 67 41.36 -43.99 -0.12
CA SER C 67 41.88 -43.30 1.05
C SER C 67 43.21 -42.59 0.90
N TYR C 68 43.66 -42.05 2.02
CA TYR C 68 44.91 -41.34 2.10
C TYR C 68 45.06 -40.82 3.54
N ALA C 69 46.23 -40.24 3.85
CA ALA C 69 46.60 -39.71 5.19
C ALA C 69 45.52 -39.05 6.10
N ASN C 70 45.10 -39.72 7.18
CA ASN C 70 44.07 -39.17 8.07
C ASN C 70 44.61 -38.93 9.50
N VAL C 71 43.86 -39.35 10.54
CA VAL C 71 44.24 -39.20 11.97
C VAL C 71 43.64 -40.25 12.97
N ASP C 72 44.23 -40.36 14.19
CA ASP C 72 43.85 -41.32 15.25
C ASP C 72 42.40 -41.81 15.14
N PRO C 73 42.19 -42.97 14.49
CA PRO C 73 40.86 -43.55 14.30
C PRO C 73 39.91 -43.50 15.48
N ARG C 74 40.42 -43.82 16.66
CA ARG C 74 39.60 -43.77 17.86
C ARG C 74 40.13 -42.60 18.70
N ARG C 75 39.65 -41.40 18.37
CA ARG C 75 40.06 -40.22 19.11
C ARG C 75 38.88 -39.66 19.85
N LYS C 76 39.16 -39.19 21.07
CA LYS C 76 38.17 -38.60 21.95
C LYS C 76 37.61 -37.36 21.24
N ARG C 77 36.42 -37.45 20.67
CA ARG C 77 35.89 -36.27 19.98
C ARG C 77 34.83 -35.64 20.87
N LYS C 78 34.94 -34.32 21.01
CA LYS C 78 34.00 -33.55 21.85
C LYS C 78 32.63 -33.59 21.26
N LEU C 79 31.69 -33.06 22.02
CA LEU C 79 30.32 -32.99 21.60
C LEU C 79 29.82 -31.59 21.99
N LEU C 80 28.92 -31.05 21.18
CA LEU C 80 28.39 -29.74 21.44
C LEU C 80 26.95 -29.85 21.92
N LEU C 81 26.56 -28.97 22.81
CA LEU C 81 25.21 -28.97 23.34
C LEU C 81 25.22 -27.81 24.31
N HIS C 82 24.13 -27.07 24.35
CA HIS C 82 24.08 -25.89 25.19
C HIS C 82 24.26 -26.17 26.68
N LYS C 83 24.71 -25.14 27.40
CA LYS C 83 24.95 -25.22 28.84
C LYS C 83 23.80 -25.85 29.60
N HIS C 84 22.59 -25.38 29.29
CA HIS C 84 21.35 -25.87 29.92
C HIS C 84 21.04 -27.31 29.46
N GLU C 85 21.11 -27.53 28.14
CA GLU C 85 20.85 -28.83 27.55
C GLU C 85 21.94 -29.81 27.91
N LEU C 86 23.01 -29.32 28.53
CA LEU C 86 24.15 -30.15 28.91
C LEU C 86 24.25 -30.43 30.43
N ARG C 87 23.88 -29.47 31.26
CA ARG C 87 23.93 -29.65 32.70
C ARG C 87 22.91 -30.70 33.13
N ARG C 88 21.94 -31.00 32.26
CA ARG C 88 20.90 -31.99 32.53
C ARG C 88 21.43 -33.40 32.47
N LEU C 89 21.48 -33.94 31.25
CA LEU C 89 21.92 -35.30 31.00
C LEU C 89 23.04 -35.80 31.92
N LEU C 90 23.90 -34.89 32.34
CA LEU C 90 25.00 -35.24 33.23
C LEU C 90 24.46 -35.65 34.62
N GLY C 91 23.55 -34.83 35.15
CA GLY C 91 22.97 -35.13 36.46
C GLY C 91 22.08 -36.37 36.46
N LYS C 92 21.58 -36.77 35.29
CA LYS C 92 20.69 -37.94 35.16
C LYS C 92 21.53 -39.15 34.75
N VAL C 93 22.82 -38.95 34.54
CA VAL C 93 23.65 -40.07 34.16
C VAL C 93 23.67 -41.00 35.37
N GLU C 94 24.34 -40.49 36.39
CA GLU C 94 24.55 -41.16 37.66
C GLU C 94 23.28 -41.47 38.44
N GLN C 95 22.11 -41.04 37.94
CA GLN C 95 20.85 -41.25 38.66
C GLN C 95 20.99 -42.51 39.54
N LYS C 96 21.38 -43.63 38.92
CA LYS C 96 21.64 -44.91 39.61
C LYS C 96 22.38 -45.77 38.61
N GLY C 97 22.47 -45.26 37.39
CA GLY C 97 23.17 -45.97 36.31
C GLY C 97 22.81 -45.60 34.87
N LEU C 98 23.00 -44.35 34.47
CA LEU C 98 22.66 -43.99 33.11
C LEU C 98 23.92 -44.01 32.24
N THR C 99 23.77 -44.21 30.94
CA THR C 99 24.94 -44.20 30.06
C THR C 99 24.69 -43.42 28.74
N LEU C 100 25.67 -42.61 28.32
CA LEU C 100 25.61 -41.84 27.08
C LEU C 100 26.10 -42.76 25.94
N VAL C 101 25.16 -43.27 25.14
CA VAL C 101 25.52 -44.17 24.04
C VAL C 101 25.16 -43.56 22.68
N PRO C 102 26.06 -43.68 21.69
CA PRO C 102 25.84 -43.14 20.33
C PRO C 102 24.65 -43.80 19.62
N LEU C 103 23.58 -43.05 19.37
CA LEU C 103 22.39 -43.60 18.71
C LEU C 103 22.41 -43.59 17.18
N LYS C 104 22.58 -42.41 16.59
CA LYS C 104 22.61 -42.32 15.14
C LYS C 104 23.57 -41.22 14.78
N ILE C 105 24.01 -41.24 13.52
CA ILE C 105 24.89 -40.19 13.02
C ILE C 105 24.55 -39.84 11.59
N TYR C 106 24.80 -38.59 11.27
CA TYR C 106 24.57 -38.06 9.94
C TYR C 106 24.72 -36.55 9.88
N PHE C 107 24.56 -36.00 8.68
CA PHE C 107 24.72 -34.57 8.47
C PHE C 107 23.30 -33.95 8.39
N ASN C 108 23.13 -32.73 8.92
CA ASN C 108 21.81 -32.07 8.91
C ASN C 108 21.53 -31.22 7.68
N GLU C 109 20.39 -30.56 7.70
CA GLU C 109 19.93 -29.71 6.61
C GLU C 109 21.10 -28.84 6.10
N ARG C 110 21.69 -28.12 7.04
CA ARG C 110 22.81 -27.21 6.80
C ARG C 110 24.18 -27.91 6.58
N GLY C 111 24.13 -29.20 6.26
CA GLY C 111 25.31 -30.01 5.96
C GLY C 111 26.30 -30.35 7.06
N TYR C 112 25.86 -30.34 8.32
CA TYR C 112 26.74 -30.61 9.45
C TYR C 112 26.53 -32.01 10.07
N ALA C 113 27.60 -32.78 10.19
CA ALA C 113 27.52 -34.10 10.80
C ALA C 113 27.09 -33.87 12.23
N LYS C 114 26.03 -34.55 12.65
CA LYS C 114 25.49 -34.40 14.00
C LYS C 114 25.32 -35.80 14.57
N VAL C 115 25.54 -35.93 15.86
CA VAL C 115 25.39 -37.22 16.52
C VAL C 115 24.11 -37.23 17.38
N LEU C 116 23.50 -38.41 17.55
CA LEU C 116 22.29 -38.51 18.35
C LEU C 116 22.57 -39.46 19.53
N LEU C 117 22.48 -38.94 20.75
CA LEU C 117 22.72 -39.77 21.95
C LEU C 117 21.44 -39.98 22.79
N GLY C 118 21.54 -40.86 23.80
CA GLY C 118 20.41 -41.15 24.65
C GLY C 118 20.76 -41.96 25.88
N LEU C 119 20.01 -41.74 26.96
CA LEU C 119 20.22 -42.42 28.24
C LEU C 119 20.09 -43.94 28.02
N ALA C 120 20.84 -44.73 28.80
CA ALA C 120 20.80 -46.19 28.66
C ALA C 120 20.68 -47.02 29.95
N ARG C 121 19.97 -48.15 29.82
CA ARG C 121 19.66 -49.11 30.90
C ARG C 121 19.07 -50.34 30.22
N GLY C 122 18.78 -51.37 31.03
CA GLY C 122 18.17 -52.58 30.52
C GLY C 122 19.03 -53.63 29.83
N LYS C 123 20.05 -54.13 30.53
CA LYS C 123 20.96 -55.17 30.01
C LYS C 123 21.26 -56.26 31.07
N VAL D 4 27.43 -37.49 -7.11
CA VAL D 4 27.68 -36.97 -8.50
C VAL D 4 28.69 -37.76 -9.34
N LEU D 5 28.19 -38.38 -10.39
CA LEU D 5 29.05 -39.13 -11.28
C LEU D 5 28.69 -38.70 -12.68
N GLU D 6 29.68 -38.11 -13.34
CA GLU D 6 29.51 -37.57 -14.67
C GLU D 6 30.72 -37.66 -15.61
N ASN D 7 30.42 -37.35 -16.86
CA ASN D 7 31.39 -37.28 -17.91
C ASN D 7 31.88 -35.90 -17.60
N ARG D 8 33.17 -35.74 -17.33
CA ARG D 8 33.67 -34.41 -17.00
C ARG D 8 34.53 -33.81 -18.09
N ARG D 9 34.96 -34.68 -18.99
CA ARG D 9 35.70 -34.18 -20.11
C ARG D 9 34.78 -34.16 -21.33
N ALA D 10 33.48 -34.39 -21.12
CA ALA D 10 32.50 -34.37 -22.20
C ALA D 10 32.17 -32.98 -22.65
N ARG D 11 32.71 -31.99 -21.98
CA ARG D 11 32.41 -30.63 -22.38
C ARG D 11 33.67 -29.95 -22.86
N HIS D 12 34.73 -30.02 -22.06
CA HIS D 12 35.99 -29.41 -22.45
C HIS D 12 36.30 -29.77 -23.88
N ASP D 13 36.09 -31.04 -24.22
CA ASP D 13 36.41 -31.48 -25.56
C ASP D 13 35.19 -31.77 -26.44
N TYR D 14 34.01 -31.37 -26.01
CA TYR D 14 32.89 -31.64 -26.85
C TYR D 14 31.81 -30.60 -26.96
N GLU D 15 31.14 -30.69 -28.10
CA GLU D 15 30.02 -29.84 -28.43
C GLU D 15 28.91 -30.87 -28.51
N ILE D 16 28.03 -30.82 -27.51
CA ILE D 16 26.93 -31.75 -27.40
C ILE D 16 25.70 -31.26 -28.19
N LEU D 17 24.80 -32.18 -28.53
CA LEU D 17 23.60 -31.84 -29.32
C LEU D 17 22.30 -32.12 -28.56
N GLU D 18 21.74 -33.30 -28.77
CA GLU D 18 20.52 -33.69 -28.10
C GLU D 18 20.91 -34.67 -27.00
N THR D 19 20.00 -34.97 -26.08
CA THR D 19 20.28 -35.88 -24.96
C THR D 19 19.24 -36.98 -24.77
N TYR D 20 19.68 -38.13 -24.23
CA TYR D 20 18.77 -39.23 -24.00
C TYR D 20 18.85 -39.91 -22.60
N GLU D 21 17.75 -40.57 -22.26
CA GLU D 21 17.57 -41.28 -20.99
C GLU D 21 17.66 -42.77 -21.28
N ALA D 22 18.75 -43.42 -20.90
CA ALA D 22 18.89 -44.83 -21.21
C ALA D 22 18.84 -45.83 -20.07
N GLY D 23 17.88 -46.74 -20.14
CA GLY D 23 17.80 -47.77 -19.13
C GLY D 23 18.95 -48.66 -19.47
N ILE D 24 19.56 -49.31 -18.49
CA ILE D 24 20.73 -50.16 -18.73
C ILE D 24 20.64 -51.53 -18.06
N ALA D 25 21.09 -52.58 -18.76
CA ALA D 25 21.09 -53.93 -18.20
C ALA D 25 22.41 -54.11 -17.45
N LEU D 26 22.35 -53.97 -16.13
CA LEU D 26 23.55 -54.12 -15.28
C LEU D 26 23.48 -55.40 -14.47
N LYS D 27 24.59 -55.71 -13.82
CA LYS D 27 24.63 -56.89 -13.01
C LYS D 27 24.60 -56.33 -11.60
N GLY D 28 23.86 -57.00 -10.71
CA GLY D 28 23.74 -56.51 -9.34
C GLY D 28 25.05 -56.05 -8.74
N THR D 29 26.16 -56.36 -9.39
CA THR D 29 27.50 -56.00 -8.91
C THR D 29 27.94 -54.63 -9.44
N GLU D 30 27.72 -54.37 -10.72
CA GLU D 30 28.11 -53.09 -11.28
C GLU D 30 27.33 -52.07 -10.47
N VAL D 31 26.05 -52.35 -10.29
CA VAL D 31 25.17 -51.48 -9.54
C VAL D 31 25.78 -50.85 -8.32
N LYS D 32 25.95 -51.65 -7.27
CA LYS D 32 26.49 -51.08 -6.05
C LYS D 32 27.79 -50.35 -6.30
N SER D 33 28.61 -50.82 -7.23
CA SER D 33 29.85 -50.12 -7.48
C SER D 33 29.49 -48.73 -7.92
N LEU D 34 28.30 -48.59 -8.49
CA LEU D 34 27.83 -47.30 -8.99
C LEU D 34 27.42 -46.35 -7.87
N ARG D 35 26.78 -46.91 -6.84
CA ARG D 35 26.33 -46.08 -5.72
C ARG D 35 27.54 -45.58 -4.95
N ALA D 36 28.69 -46.20 -5.17
CA ALA D 36 29.93 -45.81 -4.53
C ALA D 36 30.69 -44.85 -5.44
N GLY D 37 30.28 -44.84 -6.71
CA GLY D 37 30.90 -43.98 -7.71
C GLY D 37 32.38 -44.22 -8.00
N LYS D 38 32.75 -45.46 -8.29
CA LYS D 38 34.13 -45.75 -8.59
C LYS D 38 34.45 -46.05 -10.05
N VAL D 39 33.51 -45.72 -10.96
CA VAL D 39 33.75 -45.92 -12.39
C VAL D 39 34.37 -44.64 -12.96
N ASP D 40 35.04 -44.77 -14.10
CA ASP D 40 35.69 -43.63 -14.76
C ASP D 40 35.23 -43.58 -16.23
N PHE D 41 34.61 -42.46 -16.58
CA PHE D 41 34.04 -42.24 -17.92
C PHE D 41 35.09 -42.19 -19.04
N THR D 42 36.38 -42.11 -18.67
CA THR D 42 37.44 -42.02 -19.67
C THR D 42 37.16 -43.06 -20.74
N GLY D 43 37.06 -42.50 -21.95
CA GLY D 43 36.77 -43.23 -23.15
C GLY D 43 35.46 -43.98 -23.19
N SER D 44 34.23 -43.52 -23.19
CA SER D 44 33.13 -44.47 -23.28
C SER D 44 32.43 -43.99 -24.54
N PHE D 45 31.60 -44.83 -25.15
CA PHE D 45 30.91 -44.47 -26.38
C PHE D 45 29.71 -45.42 -26.50
N ALA D 46 28.72 -45.06 -27.31
CA ALA D 46 27.55 -45.89 -27.49
C ALA D 46 27.36 -46.29 -28.96
N ARG D 47 27.49 -47.58 -29.22
CA ARG D 47 27.35 -48.08 -30.58
C ARG D 47 26.32 -49.22 -30.64
N PHE D 48 25.62 -49.30 -31.76
CA PHE D 48 24.58 -50.32 -31.97
C PHE D 48 25.18 -51.66 -32.33
N GLU D 49 24.29 -52.62 -32.53
CA GLU D 49 24.69 -53.96 -32.94
C GLU D 49 23.89 -54.25 -34.19
N ASP D 50 22.75 -54.90 -33.98
CA ASP D 50 21.83 -55.27 -35.06
C ASP D 50 20.71 -54.22 -35.01
N GLY D 51 20.78 -53.38 -33.99
CA GLY D 51 19.80 -52.34 -33.77
C GLY D 51 19.82 -52.00 -32.30
N GLU D 52 20.19 -52.96 -31.46
CA GLU D 52 20.25 -52.67 -30.05
C GLU D 52 21.48 -51.83 -29.83
N LEU D 53 21.33 -50.82 -28.99
CA LEU D 53 22.44 -49.92 -28.72
C LEU D 53 23.12 -50.32 -27.41
N TYR D 54 24.44 -50.19 -27.35
CA TYR D 54 25.18 -50.53 -26.14
C TYR D 54 26.24 -49.54 -25.83
N LEU D 55 26.84 -49.73 -24.65
CA LEU D 55 27.98 -48.92 -24.20
C LEU D 55 29.13 -49.93 -24.37
N GLU D 56 29.98 -49.73 -25.37
CA GLU D 56 31.03 -50.70 -25.57
C GLU D 56 32.31 -50.59 -24.75
N ASN D 57 32.50 -49.48 -24.03
CA ASN D 57 33.67 -49.36 -23.17
C ASN D 57 33.49 -48.35 -22.06
N LEU D 58 33.75 -48.84 -20.85
CA LEU D 58 33.65 -48.04 -19.65
C LEU D 58 33.98 -48.88 -18.43
N TYR D 59 34.73 -48.30 -17.50
CA TYR D 59 35.08 -49.03 -16.30
C TYR D 59 34.03 -48.90 -15.19
N ILE D 60 33.57 -50.06 -14.71
CA ILE D 60 32.56 -50.19 -13.64
C ILE D 60 32.98 -51.41 -12.79
N ALA D 61 34.07 -51.25 -12.03
CA ALA D 61 34.62 -52.29 -11.18
C ALA D 61 33.59 -52.96 -10.26
N PRO D 62 33.51 -54.30 -10.24
CA PRO D 62 32.48 -54.75 -9.28
C PRO D 62 32.44 -54.06 -7.86
N TYR D 63 33.51 -53.32 -7.51
CA TYR D 63 33.71 -52.58 -6.21
C TYR D 63 35.17 -52.03 -6.20
N GLU D 64 35.62 -51.27 -5.22
CA GLU D 64 37.05 -50.96 -5.34
C GLU D 64 37.77 -52.06 -4.54
N LYS D 65 37.13 -52.45 -3.45
CA LYS D 65 37.60 -53.48 -2.50
C LYS D 65 36.34 -53.80 -1.66
N GLY D 66 36.15 -55.06 -1.29
CA GLY D 66 34.90 -55.42 -0.66
C GLY D 66 34.60 -55.88 -2.06
N SER D 67 34.53 -57.18 -2.28
CA SER D 67 34.41 -57.66 -3.64
C SER D 67 33.73 -58.97 -3.84
N TYR D 68 33.16 -59.12 -5.03
CA TYR D 68 32.49 -60.32 -5.47
C TYR D 68 32.57 -60.19 -7.00
N ALA D 69 33.62 -60.80 -7.54
CA ALA D 69 33.92 -60.80 -8.96
C ALA D 69 32.85 -61.46 -9.84
N ASN D 70 32.93 -61.30 -11.16
CA ASN D 70 31.89 -61.82 -12.03
C ASN D 70 32.28 -62.06 -13.53
N VAL D 71 32.15 -61.02 -14.37
CA VAL D 71 32.59 -61.18 -15.75
C VAL D 71 33.71 -60.20 -16.10
N ASP D 72 33.44 -58.89 -16.09
CA ASP D 72 34.44 -57.96 -16.59
C ASP D 72 34.07 -56.47 -16.43
N PRO D 73 34.99 -55.67 -15.92
CA PRO D 73 34.84 -54.23 -15.69
C PRO D 73 34.63 -53.36 -16.93
N ARG D 74 34.98 -53.80 -18.12
CA ARG D 74 34.74 -52.92 -19.26
C ARG D 74 33.79 -53.58 -20.24
N ARG D 75 32.68 -54.08 -19.69
CA ARG D 75 31.69 -54.79 -20.48
C ARG D 75 30.72 -53.98 -21.29
N LYS D 76 30.28 -54.61 -22.36
CA LYS D 76 29.32 -54.01 -23.26
C LYS D 76 28.04 -54.25 -22.48
N ARG D 77 27.20 -53.23 -22.39
CA ARG D 77 25.95 -53.43 -21.70
C ARG D 77 24.81 -52.86 -22.59
N LYS D 78 23.73 -53.64 -22.72
CA LYS D 78 22.62 -53.22 -23.57
C LYS D 78 21.90 -52.02 -22.99
N LEU D 79 21.46 -51.16 -23.88
CA LEU D 79 20.74 -49.97 -23.49
C LEU D 79 19.29 -50.09 -23.94
N LEU D 80 18.39 -49.81 -23.01
CA LEU D 80 17.00 -49.89 -23.29
C LEU D 80 16.50 -48.54 -23.77
N LEU D 81 15.62 -48.57 -24.77
CA LEU D 81 15.03 -47.37 -25.38
C LEU D 81 13.96 -47.77 -26.43
N HIS D 82 12.79 -47.12 -26.34
CA HIS D 82 11.64 -47.39 -27.22
C HIS D 82 12.08 -47.68 -28.68
N LYS D 83 11.33 -48.51 -29.41
CA LYS D 83 11.66 -48.89 -30.79
C LYS D 83 11.87 -47.71 -31.70
N HIS D 84 11.06 -46.70 -31.52
CA HIS D 84 11.19 -45.54 -32.35
C HIS D 84 12.45 -44.74 -32.00
N GLU D 85 12.75 -44.53 -30.70
CA GLU D 85 13.95 -43.77 -30.28
C GLU D 85 15.23 -44.25 -30.97
N LEU D 86 15.44 -45.56 -30.96
CA LEU D 86 16.59 -46.15 -31.61
C LEU D 86 16.36 -46.16 -33.11
N ARG D 87 15.13 -46.53 -33.51
CA ARG D 87 14.78 -46.58 -34.91
C ARG D 87 14.78 -45.20 -35.54
N ARG D 88 14.87 -44.15 -34.73
CA ARG D 88 14.89 -42.81 -35.31
C ARG D 88 16.28 -42.21 -35.33
N LEU D 89 17.08 -42.45 -34.30
CA LEU D 89 18.43 -41.91 -34.29
C LEU D 89 19.38 -42.97 -34.81
N LEU D 90 18.80 -44.07 -35.27
CA LEU D 90 19.54 -45.21 -35.80
C LEU D 90 20.59 -44.80 -36.82
N GLY D 91 20.31 -43.72 -37.55
CA GLY D 91 21.23 -43.25 -38.56
C GLY D 91 22.00 -42.00 -38.20
N LYS D 92 22.33 -41.85 -36.92
CA LYS D 92 23.06 -40.68 -36.40
C LYS D 92 24.57 -40.91 -36.18
N VAL D 93 24.94 -42.08 -35.63
CA VAL D 93 26.35 -42.46 -35.40
C VAL D 93 26.92 -42.84 -36.78
N GLU D 94 26.11 -42.66 -37.82
CA GLU D 94 26.49 -42.99 -39.21
C GLU D 94 27.67 -42.20 -39.88
N GLN D 95 28.13 -41.12 -39.24
CA GLN D 95 29.24 -40.26 -39.71
C GLN D 95 30.67 -40.47 -39.04
N LYS D 96 31.55 -39.47 -39.05
CA LYS D 96 32.88 -39.73 -38.46
C LYS D 96 33.32 -38.83 -37.33
N GLY D 97 32.78 -37.62 -37.33
CA GLY D 97 33.09 -36.67 -36.30
C GLY D 97 32.01 -36.76 -35.23
N LEU D 98 30.78 -37.07 -35.63
CA LEU D 98 29.67 -37.18 -34.67
C LEU D 98 29.86 -38.39 -33.74
N THR D 99 28.99 -38.58 -32.74
CA THR D 99 29.14 -39.70 -31.80
C THR D 99 27.99 -39.83 -30.80
N LEU D 100 27.98 -40.97 -30.09
CA LEU D 100 26.98 -41.25 -29.04
C LEU D 100 27.71 -41.39 -27.70
N VAL D 101 27.97 -40.24 -27.08
CA VAL D 101 28.73 -40.11 -25.81
C VAL D 101 27.95 -40.04 -24.48
N PRO D 102 28.36 -40.86 -23.47
CA PRO D 102 27.79 -40.96 -22.11
C PRO D 102 27.98 -39.68 -21.29
N LEU D 103 26.92 -38.87 -21.22
CA LEU D 103 26.93 -37.57 -20.53
C LEU D 103 27.10 -37.63 -19.01
N LYS D 104 26.58 -38.72 -18.44
CA LYS D 104 26.66 -38.98 -17.01
C LYS D 104 25.63 -40.05 -16.64
N ILE D 105 25.82 -40.63 -15.47
CA ILE D 105 24.94 -41.68 -15.02
C ILE D 105 24.41 -41.35 -13.66
N TYR D 106 23.32 -41.99 -13.31
CA TYR D 106 22.60 -41.71 -12.08
C TYR D 106 21.58 -42.79 -11.82
N PHE D 107 20.91 -42.68 -10.69
CA PHE D 107 19.85 -43.60 -10.33
C PHE D 107 18.57 -42.74 -10.35
N ASN D 108 17.65 -43.11 -11.24
CA ASN D 108 16.38 -42.39 -11.41
C ASN D 108 15.56 -42.16 -10.13
N GLU D 109 14.32 -41.71 -10.32
CA GLU D 109 13.39 -41.47 -9.21
C GLU D 109 12.77 -42.84 -8.92
N ARG D 110 12.90 -43.71 -9.91
CA ARG D 110 12.41 -45.09 -9.90
C ARG D 110 13.47 -46.07 -9.33
N GLY D 111 14.54 -45.53 -8.72
CA GLY D 111 15.59 -46.36 -8.12
C GLY D 111 16.56 -47.06 -9.04
N TYR D 112 16.14 -47.38 -10.26
CA TYR D 112 17.06 -48.06 -11.14
C TYR D 112 18.02 -47.06 -11.81
N ALA D 113 19.26 -47.48 -11.94
CA ALA D 113 20.29 -46.66 -12.54
C ALA D 113 20.09 -46.43 -14.04
N LYS D 114 20.12 -45.18 -14.44
CA LYS D 114 19.96 -44.90 -15.84
C LYS D 114 21.11 -44.04 -16.31
N VAL D 115 21.54 -44.31 -17.54
CA VAL D 115 22.65 -43.56 -18.11
C VAL D 115 22.15 -42.47 -19.01
N LEU D 116 23.02 -41.50 -19.23
CA LEU D 116 22.69 -40.41 -20.11
C LEU D 116 23.61 -40.50 -21.31
N LEU D 117 23.08 -40.10 -22.47
CA LEU D 117 23.85 -40.11 -23.70
C LEU D 117 23.44 -38.90 -24.54
N GLY D 118 24.29 -38.49 -25.47
CA GLY D 118 23.99 -37.32 -26.29
C GLY D 118 24.71 -37.22 -27.64
N LEU D 119 24.00 -36.66 -28.64
CA LEU D 119 24.58 -36.51 -29.96
C LEU D 119 25.78 -35.62 -29.85
N ALA D 120 26.94 -36.17 -30.16
CA ALA D 120 28.09 -35.36 -30.00
C ALA D 120 28.84 -34.97 -31.24
N ARG D 121 29.91 -34.25 -30.94
CA ARG D 121 30.88 -33.75 -31.92
C ARG D 121 31.37 -32.41 -31.39
N GLY D 122 32.68 -32.22 -31.29
CA GLY D 122 33.14 -30.95 -30.78
C GLY D 122 34.46 -30.51 -31.33
N LYS D 123 34.93 -29.36 -30.85
CA LYS D 123 36.20 -28.81 -31.28
C LYS D 123 36.15 -28.33 -32.76
N1 5MU E 44 -41.27 17.42 5.71
C2 5MU E 44 -41.31 18.81 5.84
N3 5MU E 44 -41.35 19.67 4.71
C4 5MU E 44 -41.37 19.06 3.44
C5 5MU E 44 -41.33 17.58 3.28
C5M 5MU E 44 -41.36 16.99 1.89
C6 5MU E 44 -41.30 16.77 4.42
O2 5MU E 44 -41.30 19.28 6.99
O4 5MU E 44 -41.36 19.75 2.43
C1' 5MU E 44 -41.19 16.59 6.93
C2' 5MU E 44 -42.62 16.48 7.44
O2' 5MU E 44 -42.72 16.50 8.84
C3' 5MU E 44 -43.05 15.22 6.75
C4' 5MU E 44 -41.83 14.32 6.84
O3' 5MU E 44 -44.16 14.80 7.45
O4' 5MU E 44 -40.73 15.27 6.64
C5' 5MU E 44 -41.83 13.29 5.74
O5' 5MU E 44 -42.29 13.90 4.53
P 5MU E 44 -42.63 13.05 3.24
OP1 5MU E 44 -42.68 11.59 3.61
OP2 5MU E 44 -42.22 13.49 1.87
N1 PSU E 45 -44.94 19.01 2.86
C2 PSU E 45 -44.56 20.10 2.08
N3 PSU E 45 -44.55 21.32 2.74
C4 PSU E 45 -44.89 21.56 4.04
C5 PSU E 45 -45.27 20.42 4.76
C6 PSU E 45 -45.28 19.21 4.17
O2 PSU E 45 -44.29 20.06 0.88
O4 PSU E 45 -44.85 22.67 4.56
C1' PSU E 45 -45.64 20.62 6.16
C2' PSU E 45 -47.15 20.51 6.31
O2' PSU E 45 -47.62 21.44 7.30
C3' PSU E 45 -47.27 19.05 6.70
C4' PSU E 45 -46.14 18.93 7.71
O3' PSU E 45 -48.57 18.89 7.23
O4' PSU E 45 -45.07 19.58 6.96
C5' PSU E 45 -45.68 17.53 8.06
O5' PSU E 45 -45.50 16.78 6.86
P PSU E 45 -45.58 15.19 6.88
OP1 PSU E 45 -46.42 14.64 7.97
OP2 PSU E 45 -45.59 14.56 5.50
N1 5MU F 44 -19.54 70.61 -2.88
C2 5MU F 44 -20.62 69.71 -2.61
N3 5MU F 44 -20.84 69.22 -1.29
C4 5MU F 44 -20.05 69.70 -0.23
C5 5MU F 44 -18.92 70.64 -0.51
C5M 5MU F 44 -18.08 71.12 0.63
C6 5MU F 44 -18.72 71.12 -1.81
O2 5MU F 44 -21.26 69.34 -3.56
O4 5MU F 44 -20.22 69.30 0.90
C1' 5MU F 44 -19.40 71.06 -4.25
C2' 5MU F 44 -20.18 72.36 -4.44
O2' 5MU F 44 -20.70 72.42 -5.75
C3' 5MU F 44 -19.11 73.38 -4.10
C4' 5MU F 44 -17.89 72.77 -4.77
O3' 5MU F 44 -19.47 74.66 -4.62
O4' 5MU F 44 -18.02 71.35 -4.51
C5' 5MU F 44 -16.52 73.23 -4.28
O5' 5MU F 44 -16.41 73.06 -2.85
P 5MU F 44 -15.44 73.97 -1.96
OP1 5MU F 44 -15.38 75.39 -2.35
OP2 5MU F 44 -15.72 73.60 -0.55
N1 PSU F 45 -21.41 73.38 0.25
C2 PSU F 45 -21.70 72.56 1.34
N3 PSU F 45 -22.86 71.81 1.21
C4 PSU F 45 -23.74 71.79 0.15
C5 PSU F 45 -23.37 72.67 -0.91
C6 PSU F 45 -22.26 73.40 -0.83
O2 PSU F 45 -21.07 72.53 2.39
O4 PSU F 45 -24.73 71.09 0.12
C1' PSU F 45 -24.26 72.77 -2.07
C2' PSU F 45 -25.26 73.91 -1.87
O2' PSU F 45 -26.45 73.63 -2.55
C3' PSU F 45 -24.48 75.07 -2.47
C4' PSU F 45 -23.82 74.41 -3.68
O3' PSU F 45 -25.37 76.12 -2.85
O4' PSU F 45 -23.48 73.09 -3.21
C5' PSU F 45 -22.58 75.09 -4.26
O5' PSU F 45 -21.55 75.19 -3.26
P PSU F 45 -20.10 75.76 -3.62
OP1 PSU F 45 -20.25 77.03 -4.40
OP2 PSU F 45 -19.27 75.76 -2.39
N1 5MU G 44 40.63 -16.08 -5.45
C2 5MU G 44 39.47 -16.81 -5.44
N3 5MU G 44 39.00 -17.35 -4.26
C4 5MU G 44 39.70 -17.16 -3.07
C5 5MU G 44 40.94 -16.39 -3.07
C5M 5MU G 44 41.72 -16.17 -1.78
C6 5MU G 44 41.38 -15.86 -4.26
O2 5MU G 44 38.86 -16.96 -6.50
O4 5MU G 44 39.31 -17.65 -2.03
C1' 5MU G 44 41.10 -15.54 -6.74
C2' 5MU G 44 40.32 -14.25 -6.98
O2' 5MU G 44 39.98 -14.02 -8.33
C3' 5MU G 44 41.26 -13.26 -6.34
C4' 5MU G 44 42.64 -13.73 -6.76
O3' 5MU G 44 40.92 -12.00 -6.82
O4' 5MU G 44 42.49 -15.18 -6.70
C5' 5MU G 44 43.70 -13.26 -5.78
O5' 5MU G 44 43.20 -13.36 -4.44
P 5MU G 44 43.96 -12.74 -3.19
OP1 5MU G 44 45.06 -11.85 -3.70
OP2 5MU G 44 44.08 -13.48 -1.91
N1 PSU G 45 37.92 -14.27 -1.76
C2 PSU G 45 37.39 -15.28 -0.97
N3 PSU G 45 36.27 -15.92 -1.49
C4 PSU G 45 35.64 -15.65 -2.68
C5 PSU G 45 36.23 -14.60 -3.42
C6 PSU G 45 37.33 -13.96 -2.96
O2 PSU G 45 37.82 -15.62 0.13
O4 PSU G 45 34.64 -16.25 -3.07
C1' PSU G 45 35.57 -14.26 -4.68
C2' PSU G 45 34.82 -12.95 -4.53
O2' PSU G 45 33.62 -12.96 -5.28
C3' PSU G 45 35.87 -11.96 -5.02
C4' PSU G 45 36.40 -12.71 -6.24
O3' PSU G 45 35.22 -10.74 -5.32
O4' PSU G 45 36.57 -14.04 -5.69
C5' PSU G 45 37.72 -12.25 -6.82
O5' PSU G 45 38.68 -12.09 -5.77
P PSU G 45 39.94 -11.13 -5.96
OP1 PSU G 45 39.67 -10.00 -6.88
OP2 PSU G 45 40.68 -10.91 -4.67
N1 5MU H 44 8.78 -68.42 0.87
C2 5MU H 44 8.79 -67.07 0.85
N3 5MU H 44 8.86 -66.39 -0.35
C4 5MU H 44 8.93 -67.09 -1.55
C5 5MU H 44 8.93 -68.52 -1.53
C5M 5MU H 44 9.01 -69.31 -2.83
C6 5MU H 44 8.86 -69.17 -0.32
O2 5MU H 44 8.72 -66.49 1.91
O4 5MU H 44 8.99 -66.50 -2.60
C1' 5MU H 44 8.69 -69.07 2.20
C2' 5MU H 44 7.22 -69.36 2.49
O2' 5MU H 44 6.95 -69.21 3.87
C3' 5MU H 44 7.08 -70.78 1.92
C4' 5MU H 44 8.40 -71.40 2.38
O3' 5MU H 44 5.92 -71.43 2.43
O4' 5MU H 44 9.37 -70.31 2.22
C5' 5MU H 44 8.88 -72.63 1.60
O5' 5MU H 44 8.93 -72.36 0.19
P 5MU H 44 8.91 -73.51 -0.94
OP1 5MU H 44 7.88 -74.56 -0.55
OP2 5MU H 44 8.73 -72.81 -2.23
N1 PSU H 45 5.19 -68.38 -1.93
C2 PSU H 45 5.52 -67.46 -2.91
N3 PSU H 45 5.35 -66.13 -2.55
C4 PSU H 45 4.90 -65.64 -1.35
C5 PSU H 45 4.57 -66.66 -0.42
C6 PSU H 45 4.73 -67.95 -0.72
O2 PSU H 45 5.85 -67.74 -4.05
O4 PSU H 45 4.79 -64.43 -1.12
C1' PSU H 45 4.03 -66.24 0.88
C2' PSU H 45 2.50 -66.23 0.83
O2' PSU H 45 1.99 -65.27 1.73
C3' PSU H 45 2.18 -67.65 1.24
C4' PSU H 45 3.22 -67.91 2.32
O3' PSU H 45 0.84 -67.73 1.73
O4' PSU H 45 4.40 -67.21 1.85
C5' PSU H 45 3.56 -69.36 2.63
O5' PSU H 45 4.03 -70.03 1.45
P PSU H 45 4.57 -71.53 1.52
OP1 PSU H 45 3.58 -72.36 2.26
OP2 PSU H 45 4.99 -71.93 0.14
#